data_2YFB
#
_entry.id   2YFB
#
_cell.length_a   226.067
_cell.length_b   46.039
_cell.length_c   50.823
_cell.angle_alpha   90.00
_cell.angle_beta   95.92
_cell.angle_gamma   90.00
#
_symmetry.space_group_name_H-M   'C 1 2 1'
#
loop_
_entity.id
_entity.type
_entity.pdbx_description
1 polymer 'METHYL-ACCEPTING CHEMOTAXIS TRANSDUCER'
2 non-polymer 'SUCCINIC ACID'
3 non-polymer 'ACETATE ION'
4 non-polymer 'SULFATE ION'
5 water water
#
_entity_poly.entity_id   1
_entity_poly.type   'polypeptide(L)'
_entity_poly.pdbx_seq_one_letter_code
;MGSSHHHHHHSSGLVPRGSHMGDIGQLNKDLTDLRIARLQYMIANGDDTAAANTLAKLDAFSKQQAYLATTFKSPENVKL
LGELGDTISAYKLSLNKMRQGYDATRAARVSMDSSAIRADQAMDALSQEVMARPEADSVRLAQYQLISKARQQLLQVRID
VRGYIAENSSANEQAALRQLDAALADTDNLKRQLPSEDARLQQFENAVLAYRDAVRQFRDAVANITTSRAEMTVQGADIV
KRSDALYQIQLERRDIES
;
_entity_poly.pdbx_strand_id   A,B
#
# COMPACT_ATOMS: atom_id res chain seq x y z
N GLY A 18 23.43 29.83 27.06
CA GLY A 18 23.36 28.65 26.22
C GLY A 18 22.03 28.52 25.50
N SER A 19 21.25 29.60 25.53
CA SER A 19 19.90 29.62 24.97
C SER A 19 19.87 29.35 23.46
N HIS A 20 20.90 29.80 22.75
CA HIS A 20 20.96 29.52 21.31
C HIS A 20 21.07 28.03 21.01
N MET A 21 21.83 27.32 21.84
CA MET A 21 21.91 25.87 21.73
C MET A 21 20.50 25.30 21.83
N GLY A 22 19.73 25.82 22.80
CA GLY A 22 18.36 25.42 23.04
C GLY A 22 17.47 25.63 21.82
N ASP A 23 17.62 26.78 21.17
CA ASP A 23 16.86 27.06 19.95
C ASP A 23 17.12 26.02 18.86
N ILE A 24 18.39 25.67 18.66
CA ILE A 24 18.78 24.69 17.65
C ILE A 24 18.20 23.31 17.94
N GLY A 25 18.23 22.91 19.20
CA GLY A 25 17.61 21.67 19.61
C GLY A 25 16.18 21.62 19.12
N GLN A 26 15.42 22.70 19.37
CA GLN A 26 14.05 22.76 18.89
C GLN A 26 14.01 22.59 17.37
N LEU A 27 14.87 23.32 16.64
CA LEU A 27 14.95 23.18 15.19
C LEU A 27 15.15 21.73 14.75
N ASN A 28 16.17 21.07 15.30
CA ASN A 28 16.45 19.65 15.01
C ASN A 28 15.29 18.71 15.33
N LYS A 29 14.71 18.90 16.52
CA LYS A 29 13.58 18.10 16.94
C LYS A 29 12.46 18.29 15.92
N ASP A 30 12.31 19.52 15.46
CA ASP A 30 11.33 19.89 14.46
C ASP A 30 11.59 19.22 13.11
N LEU A 31 12.86 19.12 12.71
CA LEU A 31 13.20 18.43 11.47
C LEU A 31 12.76 16.97 11.55
N THR A 32 13.21 16.29 12.60
CA THR A 32 12.83 14.89 12.82
C THR A 32 11.32 14.71 12.74
N ASP A 33 10.57 15.59 13.41
CA ASP A 33 9.10 15.50 13.37
C ASP A 33 8.57 15.64 11.95
N LEU A 34 9.16 16.53 11.16
CA LEU A 34 8.80 16.66 9.72
C LEU A 34 9.08 15.38 8.92
N ARG A 35 10.26 14.80 9.10
CA ARG A 35 10.59 13.59 8.37
C ARG A 35 9.66 12.44 8.75
N ILE A 36 9.41 12.25 10.05
CA ILE A 36 8.47 11.21 10.48
C ILE A 36 7.12 11.47 9.83
N ALA A 37 6.69 12.73 9.88
CA ALA A 37 5.40 13.09 9.33
C ALA A 37 5.28 12.77 7.84
N ARG A 38 6.32 13.13 7.09
CA ARG A 38 6.22 12.90 5.66
C ARG A 38 6.22 11.39 5.36
N LEU A 39 6.94 10.59 6.15
CA LEU A 39 6.82 9.15 5.95
C LEU A 39 5.44 8.61 6.30
N GLN A 40 4.86 9.07 7.41
CA GLN A 40 3.50 8.66 7.80
C GLN A 40 2.49 8.94 6.68
N TYR A 41 2.72 10.04 5.96
CA TYR A 41 1.86 10.51 4.87
C TYR A 41 1.80 9.50 3.73
N MET A 42 2.97 8.92 3.40
CA MET A 42 3.01 7.92 2.34
C MET A 42 2.37 6.62 2.82
N ILE A 43 2.61 6.27 4.08
CA ILE A 43 2.03 5.04 4.65
C ILE A 43 0.50 5.12 4.63
N ALA A 44 0.01 6.36 4.78
CA ALA A 44 -1.41 6.68 4.73
C ALA A 44 -1.89 6.84 3.28
N ASN A 45 -1.01 6.55 2.33
CA ASN A 45 -1.37 6.61 0.92
C ASN A 45 -1.83 8.00 0.48
N GLY A 46 -1.14 9.04 0.94
CA GLY A 46 -1.43 10.39 0.49
C GLY A 46 -2.75 10.96 1.02
N ASP A 47 -3.25 10.39 2.10
CA ASP A 47 -4.50 10.83 2.72
C ASP A 47 -4.53 12.34 2.90
N ASP A 48 -5.67 12.97 2.64
CA ASP A 48 -5.83 14.39 2.94
C ASP A 48 -5.55 14.71 4.41
N THR A 49 -5.96 13.82 5.32
CA THR A 49 -5.71 14.03 6.75
C THR A 49 -4.21 13.96 7.08
N ALA A 50 -3.49 12.96 6.56
CA ALA A 50 -2.06 12.88 6.80
C ALA A 50 -1.36 14.07 6.14
N ALA A 51 -1.83 14.44 4.95
CA ALA A 51 -1.33 15.61 4.25
C ALA A 51 -1.38 16.88 5.10
N ALA A 52 -2.46 17.06 5.86
CA ALA A 52 -2.57 18.24 6.73
C ALA A 52 -1.54 18.23 7.87
N ASN A 53 -1.32 17.05 8.44
CA ASN A 53 -0.32 16.88 9.50
C ASN A 53 1.10 17.22 9.01
N THR A 54 1.42 16.76 7.81
CA THR A 54 2.76 16.98 7.22
C THR A 54 2.96 18.46 6.91
N LEU A 55 1.97 19.08 6.27
CA LEU A 55 2.07 20.53 6.03
C LEU A 55 2.24 21.26 7.36
N ALA A 56 1.60 20.78 8.42
CA ALA A 56 1.72 21.42 9.72
C ALA A 56 3.10 21.27 10.34
N LYS A 57 3.72 20.11 10.15
CA LYS A 57 5.06 19.90 10.67
C LYS A 57 6.07 20.76 9.89
N LEU A 58 5.84 20.90 8.59
CA LEU A 58 6.70 21.72 7.74
C LEU A 58 6.61 23.19 8.16
N ASP A 59 5.39 23.65 8.40
CA ASP A 59 5.17 25.01 8.84
CA ASP A 59 5.16 25.02 8.84
C ASP A 59 5.92 25.30 10.14
N ALA A 60 5.83 24.38 11.09
CA ALA A 60 6.51 24.51 12.37
C ALA A 60 8.04 24.60 12.22
N PHE A 61 8.61 23.71 11.41
CA PHE A 61 10.04 23.77 11.12
C PHE A 61 10.40 25.10 10.45
N SER A 62 9.64 25.48 9.43
CA SER A 62 9.88 26.74 8.69
C SER A 62 9.76 27.98 9.56
N LYS A 63 8.78 27.96 10.48
CA LYS A 63 8.58 29.06 11.42
C LYS A 63 9.77 29.18 12.36
N GLN A 64 10.29 28.03 12.80
CA GLN A 64 11.45 28.04 13.68
C GLN A 64 12.67 28.56 12.92
N GLN A 65 12.85 28.13 11.67
CA GLN A 65 13.94 28.70 10.86
C GLN A 65 13.85 30.24 10.79
N ALA A 66 12.65 30.75 10.54
CA ALA A 66 12.46 32.20 10.39
C ALA A 66 12.64 32.94 11.72
N TYR A 67 12.18 32.33 12.81
CA TYR A 67 12.35 32.90 14.14
C TYR A 67 13.83 33.05 14.47
N LEU A 68 14.61 32.00 14.20
CA LEU A 68 16.05 32.05 14.48
C LEU A 68 16.77 33.02 13.55
N ALA A 69 16.27 33.17 12.33
CA ALA A 69 16.91 34.11 11.39
C ALA A 69 16.75 35.56 11.84
N THR A 70 15.82 35.83 12.78
CA THR A 70 15.73 37.16 13.37
C THR A 70 16.50 37.27 14.67
N THR A 71 17.08 36.15 15.12
CA THR A 71 17.62 36.04 16.47
C THR A 71 19.15 35.88 16.48
N PHE A 72 19.66 34.81 15.85
CA PHE A 72 21.10 34.67 15.69
C PHE A 72 21.71 35.90 15.03
N LYS A 73 22.73 36.47 15.67
CA LYS A 73 23.38 37.66 15.14
C LYS A 73 24.66 37.43 14.30
N SER A 74 25.21 36.23 14.35
CA SER A 74 26.51 36.01 13.72
C SER A 74 26.33 35.77 12.23
N PRO A 75 27.21 36.40 11.40
CA PRO A 75 27.18 36.22 9.95
CA PRO A 75 27.19 36.23 9.95
C PRO A 75 27.29 34.77 9.54
N GLU A 76 28.13 34.03 10.26
CA GLU A 76 28.32 32.60 10.05
C GLU A 76 26.96 31.90 10.21
N ASN A 77 26.29 32.19 11.33
CA ASN A 77 25.02 31.58 11.65
C ASN A 77 23.85 32.06 10.79
N VAL A 78 23.77 33.37 10.54
CA VAL A 78 22.62 33.86 9.76
C VAL A 78 22.68 33.31 8.35
N LYS A 79 23.90 33.15 7.83
CA LYS A 79 24.10 32.53 6.52
C LYS A 79 23.63 31.07 6.52
N LEU A 80 24.09 30.30 7.51
CA LEU A 80 23.63 28.91 7.61
C LEU A 80 22.11 28.83 7.66
N LEU A 81 21.49 29.72 8.45
CA LEU A 81 20.02 29.77 8.54
C LEU A 81 19.37 30.16 7.21
N GLY A 82 20.05 31.02 6.46
CA GLY A 82 19.61 31.37 5.12
C GLY A 82 19.64 30.16 4.21
N GLU A 83 20.74 29.41 4.25
CA GLU A 83 20.86 28.20 3.46
C GLU A 83 19.79 27.19 3.87
N LEU A 84 19.56 27.08 5.18
CA LEU A 84 18.53 26.19 5.69
C LEU A 84 17.20 26.59 5.06
N GLY A 85 16.88 27.89 5.13
CA GLY A 85 15.69 28.42 4.50
C GLY A 85 15.55 28.02 3.03
N ASP A 86 16.64 28.18 2.27
CA ASP A 86 16.58 27.85 0.84
C ASP A 86 16.18 26.39 0.62
N THR A 87 16.79 25.50 1.38
CA THR A 87 16.46 24.07 1.27
C THR A 87 15.01 23.80 1.71
N ILE A 88 14.53 24.56 2.70
CA ILE A 88 13.14 24.46 3.12
C ILE A 88 12.20 24.90 2.01
N SER A 89 12.62 25.88 1.21
CA SER A 89 11.81 26.32 0.07
C SER A 89 11.67 25.21 -0.97
N ALA A 90 12.77 24.47 -1.20
CA ALA A 90 12.81 23.37 -2.16
C ALA A 90 11.96 22.19 -1.66
N TYR A 91 12.07 21.94 -0.35
CA TYR A 91 11.25 20.89 0.29
C TYR A 91 9.77 21.17 0.11
N LYS A 92 9.35 22.41 0.37
CA LYS A 92 7.94 22.79 0.21
CA LYS A 92 7.94 22.79 0.22
C LYS A 92 7.44 22.51 -1.19
N LEU A 93 8.25 22.84 -2.18
CA LEU A 93 7.86 22.56 -3.57
C LEU A 93 7.85 21.07 -3.90
N SER A 94 8.85 20.33 -3.42
CA SER A 94 8.84 18.89 -3.66
C SER A 94 7.66 18.23 -2.92
N LEU A 95 7.37 18.74 -1.73
CA LEU A 95 6.23 18.22 -0.98
C LEU A 95 4.96 18.54 -1.76
N ASN A 96 4.87 19.75 -2.31
CA ASN A 96 3.71 20.09 -3.14
C ASN A 96 3.59 19.15 -4.32
N LYS A 97 4.71 18.71 -4.87
CA LYS A 97 4.66 17.82 -6.04
C LYS A 97 4.15 16.44 -5.66
N MET A 98 4.59 15.95 -4.48
CA MET A 98 4.05 14.70 -3.95
C MET A 98 2.54 14.75 -3.74
N ARG A 99 2.06 15.85 -3.15
CA ARG A 99 0.62 16.05 -2.95
C ARG A 99 -0.15 16.02 -4.27
N GLN A 100 0.30 16.78 -5.25
CA GLN A 100 -0.28 16.70 -6.59
C GLN A 100 -0.25 15.28 -7.15
N GLY A 101 0.79 14.52 -6.85
CA GLY A 101 0.88 13.16 -7.36
C GLY A 101 -0.18 12.27 -6.73
N TYR A 102 -0.31 12.36 -5.40
CA TYR A 102 -1.36 11.61 -4.71
C TYR A 102 -2.75 11.99 -5.18
N ASP A 103 -2.97 13.29 -5.42
CA ASP A 103 -4.23 13.73 -6.02
C ASP A 103 -4.44 13.05 -7.38
N ALA A 104 -3.38 12.94 -8.16
CA ALA A 104 -3.44 12.36 -9.49
C ALA A 104 -3.74 10.86 -9.45
N THR A 105 -3.12 10.14 -8.53
CA THR A 105 -3.41 8.71 -8.43
C THR A 105 -4.85 8.53 -7.99
N ARG A 106 -5.30 9.42 -7.10
CA ARG A 106 -6.68 9.36 -6.64
C ARG A 106 -7.67 9.57 -7.78
N ALA A 107 -7.49 10.65 -8.55
CA ALA A 107 -8.35 10.91 -9.70
C ALA A 107 -8.30 9.77 -10.72
N ALA A 108 -7.12 9.17 -10.89
CA ALA A 108 -6.99 8.12 -11.88
C ALA A 108 -7.77 6.89 -11.45
N ARG A 109 -7.79 6.63 -10.15
CA ARG A 109 -8.54 5.50 -9.59
C ARG A 109 -10.06 5.68 -9.73
N VAL A 110 -10.56 6.86 -9.36
CA VAL A 110 -11.97 7.18 -9.58
CA VAL A 110 -11.98 7.14 -9.58
C VAL A 110 -12.32 7.01 -11.06
N SER A 111 -11.40 7.40 -11.94
CA SER A 111 -11.61 7.27 -13.37
C SER A 111 -11.62 5.80 -13.84
N MET A 112 -10.70 4.98 -13.35
CA MET A 112 -10.70 3.57 -13.69
C MET A 112 -12.01 2.91 -13.24
N ASP A 113 -12.46 3.27 -12.04
CA ASP A 113 -13.69 2.67 -11.50
C ASP A 113 -14.89 2.98 -12.39
N SER A 114 -15.06 4.25 -12.75
CA SER A 114 -16.22 4.64 -13.55
C SER A 114 -16.14 4.10 -14.98
N SER A 115 -14.94 4.07 -15.55
CA SER A 115 -14.75 3.48 -16.88
C SER A 115 -15.06 1.98 -16.87
N ALA A 116 -14.61 1.28 -15.83
CA ALA A 116 -14.84 -0.16 -15.70
C ALA A 116 -16.34 -0.47 -15.62
N ILE A 117 -17.06 0.31 -14.82
CA ILE A 117 -18.50 0.14 -14.65
C ILE A 117 -19.25 0.48 -15.94
N ARG A 118 -18.74 1.47 -16.67
CA ARG A 118 -19.27 1.80 -18.00
C ARG A 118 -19.14 0.62 -18.96
N ALA A 119 -17.94 0.05 -19.05
CA ALA A 119 -17.67 -1.11 -19.89
C ALA A 119 -18.57 -2.31 -19.56
N ASP A 120 -18.68 -2.61 -18.27
CA ASP A 120 -19.47 -3.79 -17.87
C ASP A 120 -20.96 -3.57 -18.10
N GLN A 121 -21.46 -2.38 -17.79
CA GLN A 121 -22.85 -2.09 -18.06
C GLN A 121 -23.15 -2.23 -19.55
N ALA A 122 -22.23 -1.81 -20.40
CA ALA A 122 -22.44 -1.87 -21.85
C ALA A 122 -22.60 -3.32 -22.31
N MET A 123 -21.78 -4.19 -21.75
CA MET A 123 -21.80 -5.61 -22.10
C MET A 123 -23.00 -6.30 -21.49
N ASP A 124 -23.42 -5.83 -20.32
CA ASP A 124 -24.57 -6.43 -19.66
C ASP A 124 -25.85 -6.09 -20.42
N ALA A 125 -25.94 -4.88 -20.94
CA ALA A 125 -27.11 -4.48 -21.73
C ALA A 125 -27.11 -5.22 -23.06
N LEU A 126 -25.92 -5.35 -23.64
CA LEU A 126 -25.76 -6.08 -24.89
C LEU A 126 -26.20 -7.53 -24.73
N SER A 127 -25.82 -8.17 -23.62
CA SER A 127 -26.25 -9.56 -23.37
C SER A 127 -27.75 -9.65 -23.09
N GLN A 128 -28.32 -8.58 -22.51
CA GLN A 128 -29.77 -8.51 -22.32
C GLN A 128 -30.45 -8.34 -23.68
N GLU A 129 -29.77 -7.65 -24.58
CA GLU A 129 -30.22 -7.44 -25.94
C GLU A 129 -30.33 -8.76 -26.69
N VAL A 130 -29.32 -9.60 -26.53
CA VAL A 130 -29.28 -10.91 -27.19
C VAL A 130 -30.30 -11.88 -26.60
N MET A 131 -30.42 -11.89 -25.27
CA MET A 131 -31.35 -12.77 -24.58
C MET A 131 -32.80 -12.35 -24.82
N ALA A 132 -32.99 -11.08 -25.17
CA ALA A 132 -34.33 -10.58 -25.49
C ALA A 132 -34.76 -11.03 -26.88
N ARG A 133 -33.79 -11.30 -27.76
CA ARG A 133 -34.09 -11.70 -29.14
C ARG A 133 -34.52 -13.15 -29.27
N PRO A 134 -35.60 -13.40 -30.03
CA PRO A 134 -35.98 -14.79 -30.34
C PRO A 134 -35.26 -15.31 -31.58
N GLU A 135 -33.94 -15.12 -31.60
CA GLU A 135 -33.03 -15.78 -32.55
C GLU A 135 -32.83 -17.22 -32.12
N ALA A 136 -32.34 -18.08 -33.02
CA ALA A 136 -32.04 -19.47 -32.63
C ALA A 136 -31.14 -19.50 -31.40
N ASP A 137 -31.46 -20.39 -30.47
CA ASP A 137 -30.75 -20.45 -29.20
C ASP A 137 -29.28 -20.85 -29.36
N SER A 138 -28.95 -21.60 -30.40
CA SER A 138 -27.54 -21.90 -30.68
C SER A 138 -26.79 -20.62 -31.11
N VAL A 139 -27.47 -19.75 -31.86
CA VAL A 139 -26.89 -18.43 -32.14
C VAL A 139 -26.82 -17.57 -30.86
N ARG A 140 -27.93 -17.47 -30.12
CA ARG A 140 -27.94 -16.73 -28.85
C ARG A 140 -26.79 -17.20 -27.94
N LEU A 141 -26.56 -18.52 -27.91
CA LEU A 141 -25.54 -19.10 -27.03
C LEU A 141 -24.13 -18.74 -27.45
N ALA A 142 -23.84 -18.92 -28.74
CA ALA A 142 -22.52 -18.59 -29.26
C ALA A 142 -22.20 -17.12 -28.98
N GLN A 143 -23.16 -16.24 -29.24
CA GLN A 143 -23.00 -14.83 -28.91
C GLN A 143 -22.73 -14.59 -27.42
N TYR A 144 -23.54 -15.21 -26.57
CA TYR A 144 -23.46 -15.00 -25.12
C TYR A 144 -22.12 -15.49 -24.52
N GLN A 145 -21.60 -16.61 -25.03
CA GLN A 145 -20.30 -17.11 -24.60
C GLN A 145 -19.19 -16.10 -24.92
N LEU A 146 -19.26 -15.49 -26.10
CA LEU A 146 -18.26 -14.51 -26.52
C LEU A 146 -18.31 -13.27 -25.64
N ILE A 147 -19.51 -12.73 -25.47
CA ILE A 147 -19.69 -11.52 -24.66
C ILE A 147 -19.23 -11.79 -23.24
N SER A 148 -19.71 -12.88 -22.66
CA SER A 148 -19.34 -13.25 -21.30
C SER A 148 -17.81 -13.34 -21.14
N LYS A 149 -17.15 -13.95 -22.12
CA LYS A 149 -15.70 -14.16 -22.07
C LYS A 149 -14.92 -12.85 -22.08
N ALA A 150 -15.44 -11.84 -22.77
CA ALA A 150 -14.81 -10.52 -22.78
C ALA A 150 -15.05 -9.76 -21.47
N ARG A 151 -16.26 -9.91 -20.92
CA ARG A 151 -16.59 -9.30 -19.63
C ARG A 151 -15.62 -9.81 -18.58
N GLN A 152 -15.42 -11.12 -18.60
CA GLN A 152 -14.54 -11.77 -17.64
C GLN A 152 -13.08 -11.41 -17.89
N GLN A 153 -12.71 -11.25 -19.16
CA GLN A 153 -11.34 -10.84 -19.48
C GLN A 153 -11.03 -9.51 -18.78
N LEU A 154 -11.96 -8.56 -18.92
CA LEU A 154 -11.78 -7.25 -18.29
C LEU A 154 -11.81 -7.33 -16.76
N LEU A 155 -12.57 -8.25 -16.19
CA LEU A 155 -12.53 -8.37 -14.75
C LEU A 155 -11.11 -8.79 -14.34
N GLN A 156 -10.50 -9.69 -15.09
CA GLN A 156 -9.14 -10.15 -14.75
C GLN A 156 -8.09 -9.04 -14.92
N VAL A 157 -8.28 -8.18 -15.91
CA VAL A 157 -7.44 -7.00 -16.01
C VAL A 157 -7.61 -6.12 -14.77
N ARG A 158 -8.85 -5.96 -14.31
CA ARG A 158 -9.07 -5.15 -13.11
C ARG A 158 -8.28 -5.76 -11.95
N ILE A 159 -8.32 -7.09 -11.84
CA ILE A 159 -7.55 -7.76 -10.80
C ILE A 159 -6.02 -7.53 -10.88
N ASP A 160 -5.45 -7.63 -12.09
CA ASP A 160 -4.04 -7.27 -12.30
C ASP A 160 -3.76 -5.81 -11.94
N VAL A 161 -4.64 -4.92 -12.38
CA VAL A 161 -4.40 -3.50 -12.12
C VAL A 161 -4.43 -3.18 -10.63
N ARG A 162 -5.41 -3.75 -9.92
CA ARG A 162 -5.45 -3.56 -8.47
C ARG A 162 -4.26 -4.20 -7.78
N GLY A 163 -3.78 -5.31 -8.35
CA GLY A 163 -2.54 -5.89 -7.85
C GLY A 163 -1.45 -4.84 -7.91
N TYR A 164 -1.38 -4.16 -9.05
CA TYR A 164 -0.40 -3.10 -9.26
C TYR A 164 -0.64 -1.88 -8.36
N ILE A 165 -1.89 -1.51 -8.12
CA ILE A 165 -2.17 -0.39 -7.22
C ILE A 165 -1.66 -0.68 -5.81
N ALA A 166 -1.85 -1.92 -5.35
CA ALA A 166 -1.37 -2.37 -4.03
C ALA A 166 0.16 -2.45 -3.92
N GLU A 167 0.80 -2.97 -4.97
CA GLU A 167 2.26 -3.02 -5.01
CA GLU A 167 2.26 -3.03 -5.00
C GLU A 167 2.73 -2.46 -6.35
N ASN A 168 3.39 -1.30 -6.30
CA ASN A 168 3.64 -0.44 -7.49
C ASN A 168 4.82 -0.89 -8.40
N SER A 169 5.30 -2.10 -8.19
CA SER A 169 6.47 -2.62 -8.93
C SER A 169 6.34 -2.56 -10.46
N SER A 170 7.48 -2.41 -11.13
CA SER A 170 7.54 -2.45 -12.59
C SER A 170 6.95 -3.75 -13.15
N ALA A 171 7.20 -4.86 -12.46
CA ALA A 171 6.68 -6.17 -12.87
C ALA A 171 5.16 -6.12 -12.96
N ASN A 172 4.51 -5.70 -11.88
CA ASN A 172 3.05 -5.57 -11.84
C ASN A 172 2.54 -4.56 -12.85
N GLU A 173 3.23 -3.44 -12.97
CA GLU A 173 2.83 -2.43 -13.96
C GLU A 173 2.79 -3.00 -15.38
N GLN A 174 3.90 -3.61 -15.78
CA GLN A 174 4.07 -4.11 -17.13
C GLN A 174 3.11 -5.24 -17.46
N ALA A 175 2.88 -6.12 -16.49
CA ALA A 175 1.94 -7.23 -16.68
C ALA A 175 0.52 -6.67 -16.83
N ALA A 176 0.17 -5.67 -16.03
CA ALA A 176 -1.15 -5.03 -16.14
C ALA A 176 -1.36 -4.40 -17.52
N LEU A 177 -0.38 -3.62 -17.95
CA LEU A 177 -0.44 -2.98 -19.28
C LEU A 177 -0.56 -4.02 -20.40
N ARG A 178 0.27 -5.06 -20.38
CA ARG A 178 0.20 -6.14 -21.38
C ARG A 178 -1.20 -6.77 -21.47
N GLN A 179 -1.72 -7.16 -20.32
CA GLN A 179 -2.99 -7.86 -20.30
C GLN A 179 -4.09 -6.93 -20.77
N LEU A 180 -3.97 -5.64 -20.43
CA LEU A 180 -4.91 -4.63 -20.89
C LEU A 180 -4.82 -4.39 -22.41
N ASP A 181 -3.62 -4.37 -22.96
CA ASP A 181 -3.49 -4.29 -24.42
C ASP A 181 -4.03 -5.56 -25.12
N ALA A 182 -3.95 -6.71 -24.45
CA ALA A 182 -4.50 -7.94 -25.03
C ALA A 182 -6.01 -7.96 -25.00
N ALA A 183 -6.60 -7.39 -23.95
CA ALA A 183 -8.05 -7.24 -23.90
C ALA A 183 -8.53 -6.30 -25.01
N LEU A 184 -7.80 -5.22 -25.22
CA LEU A 184 -8.16 -4.26 -26.28
C LEU A 184 -8.03 -4.88 -27.67
N ALA A 185 -6.98 -5.67 -27.88
CA ALA A 185 -6.81 -6.35 -29.16
C ALA A 185 -7.97 -7.31 -29.42
N ASP A 186 -8.30 -8.13 -28.42
CA ASP A 186 -9.38 -9.10 -28.52
C ASP A 186 -10.75 -8.43 -28.65
N THR A 187 -10.86 -7.18 -28.19
CA THR A 187 -12.10 -6.42 -28.29
C THR A 187 -12.34 -5.90 -29.69
N ASP A 188 -11.31 -5.31 -30.30
CA ASP A 188 -11.39 -4.93 -31.71
C ASP A 188 -11.73 -6.13 -32.61
N ASN A 189 -11.17 -7.30 -32.27
CA ASN A 189 -11.47 -8.52 -33.00
C ASN A 189 -12.91 -9.04 -32.83
N LEU A 190 -13.46 -8.85 -31.65
CA LEU A 190 -14.78 -9.19 -31.52
CA LEU A 190 -14.82 -9.28 -31.36
C LEU A 190 -15.82 -8.35 -32.05
N LYS A 191 -15.48 -7.13 -32.32
CA LYS A 191 -16.26 -6.16 -33.11
C LYS A 191 -16.44 -6.59 -34.58
N ARG A 192 -15.41 -7.21 -35.16
CA ARG A 192 -15.53 -7.76 -36.51
C ARG A 192 -16.24 -9.11 -36.53
N GLN A 193 -16.10 -9.84 -35.43
CA GLN A 193 -16.75 -11.15 -35.28
C GLN A 193 -18.26 -11.05 -35.01
N LEU A 194 -18.69 -9.96 -34.41
CA LEU A 194 -20.11 -9.70 -34.15
C LEU A 194 -20.54 -8.33 -34.71
N PRO A 195 -20.39 -8.15 -36.02
CA PRO A 195 -20.73 -6.88 -36.69
C PRO A 195 -22.14 -6.41 -36.35
N SER A 196 -23.02 -7.36 -36.03
N SER A 196 -23.01 -7.37 -36.04
CA SER A 196 -24.41 -7.04 -35.73
CA SER A 196 -24.40 -7.10 -35.69
C SER A 196 -24.51 -6.01 -34.59
C SER A 196 -24.49 -6.02 -34.61
N GLU A 197 -23.54 -6.01 -33.68
CA GLU A 197 -23.36 -4.84 -32.83
C GLU A 197 -21.95 -4.32 -33.05
N ASP A 198 -21.83 -3.21 -33.76
CA ASP A 198 -20.68 -2.35 -33.62
C ASP A 198 -21.00 -1.44 -32.46
N ALA A 199 -22.25 -0.98 -32.43
CA ALA A 199 -22.69 0.10 -31.57
C ALA A 199 -22.40 -0.18 -30.11
N ARG A 200 -22.92 -1.32 -29.62
CA ARG A 200 -22.69 -1.72 -28.24
C ARG A 200 -21.22 -1.97 -27.97
N LEU A 201 -20.59 -2.75 -28.83
CA LEU A 201 -19.19 -3.12 -28.65
C LEU A 201 -18.28 -1.89 -28.67
N GLN A 202 -18.69 -0.86 -29.42
CA GLN A 202 -17.88 0.35 -29.49
C GLN A 202 -17.91 1.10 -28.16
N GLN A 203 -19.07 1.04 -27.50
CA GLN A 203 -19.24 1.63 -26.18
C GLN A 203 -18.27 0.98 -25.20
N PHE A 204 -18.27 -0.35 -25.19
CA PHE A 204 -17.34 -1.15 -24.40
C PHE A 204 -15.90 -0.74 -24.70
N GLU A 205 -15.47 -0.94 -25.95
CA GLU A 205 -14.11 -0.59 -26.35
C GLU A 205 -13.71 0.84 -25.95
N ASN A 206 -14.61 1.79 -26.17
CA ASN A 206 -14.35 3.18 -25.77
C ASN A 206 -14.10 3.30 -24.26
N ALA A 207 -14.90 2.59 -23.47
CA ALA A 207 -14.69 2.64 -22.02
C ALA A 207 -13.38 1.95 -21.66
N VAL A 208 -13.05 0.87 -22.36
CA VAL A 208 -11.80 0.16 -22.05
C VAL A 208 -10.58 1.01 -22.45
N LEU A 209 -10.69 1.73 -23.56
CA LEU A 209 -9.65 2.69 -23.94
C LEU A 209 -9.52 3.81 -22.92
N ALA A 210 -10.64 4.30 -22.40
CA ALA A 210 -10.58 5.33 -21.37
C ALA A 210 -9.93 4.76 -20.10
N TYR A 211 -10.25 3.49 -19.80
CA TYR A 211 -9.68 2.83 -18.64
C TYR A 211 -8.16 2.78 -18.80
N ARG A 212 -7.70 2.41 -20.00
CA ARG A 212 -6.26 2.39 -20.25
C ARG A 212 -5.62 3.75 -20.00
N ASP A 213 -6.23 4.81 -20.55
CA ASP A 213 -5.76 6.17 -20.31
C ASP A 213 -5.59 6.43 -18.81
N ALA A 214 -6.51 5.93 -18.00
CA ALA A 214 -6.46 6.20 -16.57
C ALA A 214 -5.32 5.42 -15.89
N VAL A 215 -5.13 4.16 -16.29
CA VAL A 215 -4.03 3.35 -15.77
C VAL A 215 -2.69 4.00 -16.09
N ARG A 216 -2.56 4.52 -17.31
CA ARG A 216 -1.35 5.24 -17.69
C ARG A 216 -1.14 6.51 -16.85
N GLN A 217 -2.21 7.25 -16.61
CA GLN A 217 -2.18 8.42 -15.73
C GLN A 217 -1.77 8.05 -14.31
N PHE A 218 -2.26 6.91 -13.84
CA PHE A 218 -1.89 6.44 -12.51
C PHE A 218 -0.39 6.13 -12.47
N ARG A 219 0.09 5.34 -13.43
CA ARG A 219 1.52 5.03 -13.54
C ARG A 219 2.39 6.30 -13.53
N ASP A 220 2.02 7.28 -14.34
CA ASP A 220 2.78 8.53 -14.41
C ASP A 220 2.78 9.32 -13.09
N ALA A 221 1.69 9.25 -12.34
CA ALA A 221 1.61 9.92 -11.05
C ALA A 221 2.44 9.18 -10.00
N VAL A 222 2.39 7.85 -10.00
CA VAL A 222 3.26 7.07 -9.12
C VAL A 222 4.72 7.48 -9.35
N ALA A 223 5.08 7.65 -10.62
CA ALA A 223 6.45 8.07 -10.92
C ALA A 223 6.75 9.42 -10.30
N ASN A 224 5.84 10.38 -10.46
CA ASN A 224 6.06 11.70 -9.86
C ASN A 224 6.14 11.72 -8.33
N ILE A 225 5.36 10.85 -7.70
CA ILE A 225 5.45 10.67 -6.26
C ILE A 225 6.84 10.18 -5.89
N THR A 226 7.32 9.14 -6.57
CA THR A 226 8.65 8.60 -6.31
C THR A 226 9.76 9.65 -6.51
N THR A 227 9.67 10.41 -7.60
CA THR A 227 10.61 11.49 -7.86
C THR A 227 10.60 12.54 -6.71
N SER A 228 9.42 13.01 -6.33
CA SER A 228 9.34 13.97 -5.23
CA SER A 228 9.29 13.94 -5.21
C SER A 228 9.90 13.38 -3.95
N ARG A 229 9.66 12.09 -3.70
CA ARG A 229 10.19 11.46 -2.51
C ARG A 229 11.73 11.51 -2.53
N ALA A 230 12.32 11.11 -3.65
CA ALA A 230 13.78 11.08 -3.78
C ALA A 230 14.35 12.47 -3.50
N GLU A 231 13.62 13.50 -3.92
CA GLU A 231 14.03 14.89 -3.72
C GLU A 231 14.02 15.31 -2.26
N MET A 232 12.91 15.06 -1.56
CA MET A 232 12.86 15.44 -0.15
C MET A 232 13.87 14.63 0.69
N THR A 233 14.17 13.42 0.26
CA THR A 233 15.13 12.57 0.96
C THR A 233 16.46 13.28 0.96
N VAL A 234 16.83 13.75 -0.23
CA VAL A 234 18.05 14.51 -0.43
C VAL A 234 18.03 15.89 0.27
N GLN A 235 16.89 16.59 0.22
CA GLN A 235 16.81 17.87 0.91
C GLN A 235 16.96 17.65 2.42
N GLY A 236 16.32 16.60 2.94
CA GLY A 236 16.45 16.27 4.35
C GLY A 236 17.90 16.12 4.79
N ALA A 237 18.68 15.33 4.05
CA ALA A 237 20.08 15.13 4.39
C ALA A 237 20.84 16.47 4.36
N ASP A 238 20.47 17.32 3.40
CA ASP A 238 21.08 18.64 3.31
C ASP A 238 20.72 19.51 4.52
N ILE A 239 19.46 19.47 4.92
CA ILE A 239 19.01 20.22 6.09
C ILE A 239 19.73 19.72 7.37
N VAL A 240 20.03 18.41 7.42
CA VAL A 240 20.78 17.86 8.54
C VAL A 240 22.22 18.35 8.63
N LYS A 241 22.91 18.41 7.49
CA LYS A 241 24.28 18.92 7.48
C LYS A 241 24.32 20.36 8.01
N ARG A 242 23.46 21.21 7.46
CA ARG A 242 23.40 22.61 7.89
C ARG A 242 23.01 22.76 9.36
N SER A 243 22.02 21.98 9.78
CA SER A 243 21.53 21.99 11.15
C SER A 243 22.56 21.40 12.10
N ASP A 244 23.31 20.41 11.63
CA ASP A 244 24.41 19.86 12.41
C ASP A 244 25.52 20.89 12.58
N ALA A 245 25.79 21.67 11.53
CA ALA A 245 26.85 22.67 11.59
C ALA A 245 26.48 23.84 12.49
N LEU A 246 25.19 24.21 12.48
CA LEU A 246 24.71 25.27 13.36
C LEU A 246 24.91 24.80 14.80
N TYR A 247 24.65 23.52 15.03
CA TYR A 247 24.78 22.96 16.37
C TYR A 247 26.24 22.93 16.84
N GLN A 248 27.16 22.59 15.94
CA GLN A 248 28.57 22.49 16.30
C GLN A 248 29.21 23.84 16.62
N ILE A 249 28.76 24.88 15.91
CA ILE A 249 29.20 26.25 16.16
C ILE A 249 28.84 26.69 17.57
N GLN A 250 27.66 26.26 18.04
CA GLN A 250 27.17 26.57 19.37
C GLN A 250 27.82 25.72 20.45
N LEU A 251 28.25 24.51 20.09
CA LEU A 251 28.96 23.65 21.04
C LEU A 251 30.13 24.42 21.66
N GLU A 252 30.94 25.03 20.81
CA GLU A 252 32.00 25.95 21.22
C GLU A 252 32.44 25.80 22.68
N VAL B 15 36.16 9.93 27.64
CA VAL B 15 36.68 10.62 28.82
C VAL B 15 37.21 12.04 28.51
N PRO B 16 37.44 12.36 27.21
CA PRO B 16 37.72 13.76 26.86
C PRO B 16 36.56 14.67 27.28
N ARG B 17 36.85 15.96 27.50
CA ARG B 17 35.82 16.90 27.91
CA ARG B 17 35.82 16.91 27.90
C ARG B 17 34.83 17.17 26.77
N GLY B 18 33.55 16.92 27.06
CA GLY B 18 32.51 17.07 26.06
C GLY B 18 32.11 15.75 25.41
N SER B 19 32.97 14.74 25.55
CA SER B 19 32.83 13.49 24.82
C SER B 19 31.55 12.68 25.07
N HIS B 20 31.08 12.63 26.32
CA HIS B 20 29.87 11.86 26.59
C HIS B 20 28.69 12.49 25.86
N MET B 21 28.67 13.82 25.85
CA MET B 21 27.63 14.56 25.15
CA MET B 21 27.63 14.55 25.16
C MET B 21 27.57 14.15 23.69
N GLY B 22 28.74 13.89 23.09
CA GLY B 22 28.81 13.46 21.71
C GLY B 22 28.33 12.03 21.54
N ASP B 23 28.71 11.18 22.49
CA ASP B 23 28.25 9.80 22.53
C ASP B 23 26.72 9.74 22.49
N ILE B 24 26.08 10.67 23.20
CA ILE B 24 24.62 10.74 23.20
C ILE B 24 24.11 11.29 21.88
N GLY B 25 24.82 12.26 21.34
CA GLY B 25 24.52 12.75 19.99
C GLY B 25 24.42 11.57 19.04
N GLN B 26 25.39 10.66 19.09
CA GLN B 26 25.39 9.49 18.21
C GLN B 26 24.21 8.57 18.53
N LEU B 27 23.95 8.42 19.82
CA LEU B 27 22.80 7.64 20.28
C LEU B 27 21.52 8.17 19.65
N ASN B 28 21.36 9.50 19.67
CA ASN B 28 20.15 10.12 19.13
C ASN B 28 20.00 9.95 17.63
N LYS B 29 21.13 10.05 16.91
CA LYS B 29 21.11 9.86 15.48
CA LYS B 29 21.12 9.86 15.46
C LYS B 29 20.72 8.43 15.14
N ASP B 30 21.34 7.48 15.81
CA ASP B 30 20.98 6.07 15.65
C ASP B 30 19.48 5.82 15.87
N LEU B 31 18.89 6.52 16.84
CA LEU B 31 17.48 6.37 17.12
C LEU B 31 16.66 6.89 15.95
N THR B 32 17.01 8.08 15.48
CA THR B 32 16.29 8.68 14.38
C THR B 32 16.38 7.75 13.19
N ASP B 33 17.58 7.20 12.96
CA ASP B 33 17.82 6.29 11.83
C ASP B 33 16.93 5.06 11.89
N LEU B 34 16.75 4.53 13.10
CA LEU B 34 15.85 3.41 13.34
C LEU B 34 14.38 3.75 13.03
N ARG B 35 13.91 4.87 13.59
CA ARG B 35 12.54 5.28 13.38
C ARG B 35 12.26 5.49 11.88
N ILE B 36 13.19 6.13 11.19
CA ILE B 36 13.00 6.32 9.75
C ILE B 36 12.96 4.95 9.04
N ALA B 37 13.93 4.09 9.38
CA ALA B 37 14.00 2.81 8.70
C ALA B 37 12.72 2.01 8.92
N ARG B 38 12.16 2.11 10.13
CA ARG B 38 10.95 1.35 10.40
C ARG B 38 9.76 1.84 9.59
N LEU B 39 9.68 3.15 9.38
CA LEU B 39 8.61 3.66 8.53
C LEU B 39 8.83 3.24 7.06
N GLN B 40 10.08 3.29 6.61
CA GLN B 40 10.43 2.88 5.24
C GLN B 40 9.98 1.42 4.99
N TYR B 41 10.11 0.60 6.04
CA TYR B 41 9.77 -0.82 5.99
C TYR B 41 8.29 -1.02 5.71
N MET B 42 7.45 -0.22 6.36
CA MET B 42 6.02 -0.25 6.11
CA MET B 42 6.02 -0.29 6.09
C MET B 42 5.68 0.27 4.71
N ILE B 43 6.36 1.33 4.30
CA ILE B 43 6.16 1.89 2.95
C ILE B 43 6.52 0.86 1.85
N ALA B 44 7.48 0.01 2.16
CA ALA B 44 7.93 -1.07 1.27
C ALA B 44 7.03 -2.31 1.39
N ASN B 45 5.93 -2.18 2.12
CA ASN B 45 4.97 -3.27 2.27
C ASN B 45 5.64 -4.46 2.94
N GLY B 46 6.54 -4.16 3.87
CA GLY B 46 7.13 -5.17 4.71
C GLY B 46 8.07 -6.12 4.00
N ASP B 47 8.62 -5.72 2.85
CA ASP B 47 9.44 -6.65 2.10
C ASP B 47 10.75 -6.98 2.80
N ASP B 48 11.33 -8.11 2.39
CA ASP B 48 12.49 -8.66 3.07
C ASP B 48 13.69 -7.72 3.11
N THR B 49 13.98 -7.07 1.99
CA THR B 49 15.09 -6.15 1.95
C THR B 49 14.92 -5.05 3.00
N ALA B 50 13.73 -4.44 3.07
CA ALA B 50 13.52 -3.39 4.08
C ALA B 50 13.46 -3.94 5.50
N ALA B 51 13.00 -5.18 5.66
CA ALA B 51 13.13 -5.86 6.94
C ALA B 51 14.58 -5.93 7.37
N ALA B 52 15.47 -6.31 6.46
CA ALA B 52 16.88 -6.46 6.77
C ALA B 52 17.52 -5.13 7.21
N ASN B 53 17.16 -4.06 6.50
CA ASN B 53 17.68 -2.74 6.81
C ASN B 53 17.19 -2.28 8.19
N THR B 54 15.94 -2.60 8.49
CA THR B 54 15.37 -2.17 9.77
C THR B 54 16.02 -2.91 10.95
N LEU B 55 16.16 -4.22 10.81
CA LEU B 55 16.89 -4.98 11.81
C LEU B 55 18.30 -4.41 12.01
N ALA B 56 18.93 -3.94 10.93
CA ALA B 56 20.29 -3.41 11.03
C ALA B 56 20.35 -2.13 11.84
N LYS B 57 19.41 -1.23 11.58
CA LYS B 57 19.38 0.01 12.32
C LYS B 57 19.05 -0.25 13.79
N LEU B 58 18.24 -1.26 14.05
CA LEU B 58 17.90 -1.57 15.43
C LEU B 58 19.14 -2.01 16.19
N ASP B 59 19.90 -2.91 15.59
CA ASP B 59 21.12 -3.42 16.22
CA ASP B 59 21.11 -3.43 16.21
C ASP B 59 22.20 -2.36 16.37
N ALA B 60 22.25 -1.41 15.44
CA ALA B 60 23.20 -0.31 15.54
C ALA B 60 22.87 0.52 16.79
N PHE B 61 21.58 0.74 17.00
CA PHE B 61 21.13 1.52 18.15
C PHE B 61 21.33 0.71 19.43
N SER B 62 20.96 -0.57 19.37
CA SER B 62 21.19 -1.48 20.48
C SER B 62 22.67 -1.52 20.88
N LYS B 63 23.55 -1.59 19.88
CA LYS B 63 24.99 -1.62 20.14
CA LYS B 63 24.99 -1.64 20.17
C LYS B 63 25.50 -0.36 20.82
N GLN B 64 25.02 0.79 20.35
CA GLN B 64 25.40 2.05 20.98
C GLN B 64 24.94 2.07 22.45
N GLN B 65 23.68 1.70 22.71
CA GLN B 65 23.19 1.65 24.10
C GLN B 65 24.12 0.79 24.96
N ALA B 66 24.42 -0.43 24.50
CA ALA B 66 25.30 -1.33 25.22
C ALA B 66 26.67 -0.73 25.48
N TYR B 67 27.25 -0.11 24.46
CA TYR B 67 28.57 0.49 24.56
C TYR B 67 28.60 1.54 25.67
N LEU B 68 27.68 2.51 25.58
CA LEU B 68 27.57 3.57 26.59
C LEU B 68 27.25 3.01 27.97
N ALA B 69 26.56 1.87 28.02
CA ALA B 69 26.29 1.23 29.31
C ALA B 69 27.57 0.83 30.03
N THR B 70 28.66 0.63 29.26
CA THR B 70 29.99 0.41 29.84
C THR B 70 30.77 1.69 30.21
N THR B 71 30.63 2.71 29.38
CA THR B 71 31.40 3.96 29.50
C THR B 71 30.89 5.00 30.52
N PHE B 72 29.57 5.12 30.68
CA PHE B 72 29.01 6.11 31.60
C PHE B 72 29.13 5.66 33.06
N LYS B 73 29.74 6.52 33.88
CA LYS B 73 30.03 6.22 35.28
C LYS B 73 28.93 6.47 36.33
N SER B 74 28.23 7.60 36.22
CA SER B 74 27.34 8.02 37.30
C SER B 74 26.08 7.18 37.40
N PRO B 75 25.66 6.88 38.64
CA PRO B 75 24.48 6.05 38.86
C PRO B 75 23.28 6.54 38.06
N GLU B 76 23.05 7.84 37.98
CA GLU B 76 21.85 8.33 37.30
C GLU B 76 21.87 8.03 35.79
N ASN B 77 23.06 8.12 35.19
CA ASN B 77 23.20 7.86 33.76
C ASN B 77 23.13 6.37 33.42
N VAL B 78 23.77 5.55 34.24
CA VAL B 78 23.75 4.12 33.97
C VAL B 78 22.33 3.57 34.13
N LYS B 79 21.55 4.15 35.05
CA LYS B 79 20.17 3.71 35.23
C LYS B 79 19.32 4.13 34.04
N LEU B 80 19.56 5.33 33.53
CA LEU B 80 18.85 5.77 32.34
C LEU B 80 19.16 4.87 31.15
N LEU B 81 20.43 4.53 30.98
CA LEU B 81 20.83 3.61 29.90
C LEU B 81 20.23 2.22 30.09
N GLY B 82 20.11 1.77 31.34
CA GLY B 82 19.42 0.55 31.65
C GLY B 82 17.95 0.61 31.24
N GLU B 83 17.27 1.70 31.61
CA GLU B 83 15.88 1.86 31.16
C GLU B 83 15.77 1.83 29.63
N LEU B 84 16.68 2.52 28.96
CA LEU B 84 16.74 2.53 27.51
C LEU B 84 16.89 1.11 27.00
N GLY B 85 17.79 0.35 27.61
CA GLY B 85 17.95 -1.05 27.27
C GLY B 85 16.66 -1.86 27.36
N ASP B 86 15.90 -1.68 28.45
CA ASP B 86 14.63 -2.41 28.56
C ASP B 86 13.65 -2.00 27.45
N THR B 87 13.59 -0.72 27.12
CA THR B 87 12.66 -0.35 26.07
C THR B 87 13.15 -0.88 24.71
N ILE B 88 14.47 -0.93 24.51
CA ILE B 88 15.03 -1.55 23.30
C ILE B 88 14.63 -3.03 23.20
N SER B 89 14.69 -3.74 24.33
CA SER B 89 14.22 -5.12 24.37
C SER B 89 12.78 -5.25 23.89
N ALA B 90 11.91 -4.36 24.39
CA ALA B 90 10.49 -4.40 24.02
C ALA B 90 10.32 -4.08 22.55
N TYR B 91 11.06 -3.08 22.07
CA TYR B 91 10.99 -2.69 20.67
C TYR B 91 11.30 -3.89 19.79
N LYS B 92 12.41 -4.59 20.08
CA LYS B 92 12.79 -5.78 19.33
C LYS B 92 11.64 -6.75 19.18
N LEU B 93 10.98 -7.06 20.29
CA LEU B 93 9.84 -7.97 20.27
CA LEU B 93 9.84 -7.97 20.27
C LEU B 93 8.69 -7.45 19.38
N SER B 94 8.28 -6.21 19.60
CA SER B 94 7.23 -5.60 18.80
C SER B 94 7.56 -5.64 17.30
N LEU B 95 8.83 -5.38 16.97
CA LEU B 95 9.28 -5.38 15.57
C LEU B 95 9.23 -6.80 15.04
N ASN B 96 9.60 -7.77 15.87
CA ASN B 96 9.46 -9.15 15.48
C ASN B 96 8.01 -9.49 15.18
N LYS B 97 7.09 -8.93 15.97
CA LYS B 97 5.67 -9.19 15.75
C LYS B 97 5.23 -8.60 14.42
N MET B 98 5.74 -7.42 14.10
CA MET B 98 5.42 -6.80 12.82
C MET B 98 5.93 -7.66 11.66
N ARG B 99 7.14 -8.17 11.79
CA ARG B 99 7.69 -9.05 10.75
C ARG B 99 6.85 -10.30 10.52
N GLN B 100 6.47 -10.96 11.62
CA GLN B 100 5.58 -12.11 11.55
C GLN B 100 4.24 -11.74 10.90
N GLY B 101 3.75 -10.54 11.15
CA GLY B 101 2.51 -10.13 10.54
C GLY B 101 2.65 -10.00 9.03
N TYR B 102 3.74 -9.35 8.58
CA TYR B 102 3.99 -9.24 7.15
C TYR B 102 4.19 -10.60 6.47
N ASP B 103 4.90 -11.51 7.16
CA ASP B 103 5.00 -12.88 6.70
C ASP B 103 3.62 -13.49 6.52
N ALA B 104 2.75 -13.27 7.52
CA ALA B 104 1.41 -13.85 7.48
C ALA B 104 0.52 -13.24 6.38
N THR B 105 0.59 -11.93 6.16
CA THR B 105 -0.14 -11.35 5.04
C THR B 105 0.35 -11.93 3.71
N ARG B 106 1.66 -12.11 3.59
CA ARG B 106 2.21 -12.71 2.37
CA ARG B 106 2.21 -12.71 2.37
C ARG B 106 1.68 -14.14 2.19
N ALA B 107 1.71 -14.93 3.26
CA ALA B 107 1.19 -16.31 3.19
C ALA B 107 -0.30 -16.35 2.85
N ALA B 108 -1.06 -15.40 3.38
CA ALA B 108 -2.49 -15.35 3.09
C ALA B 108 -2.74 -15.01 1.62
N ARG B 109 -1.93 -14.09 1.08
CA ARG B 109 -2.04 -13.71 -0.33
C ARG B 109 -1.71 -14.88 -1.26
N VAL B 110 -0.63 -15.60 -0.97
CA VAL B 110 -0.29 -16.81 -1.72
C VAL B 110 -1.46 -17.80 -1.68
N SER B 111 -2.00 -18.01 -0.49
CA SER B 111 -3.13 -18.91 -0.30
C SER B 111 -4.41 -18.45 -1.00
N MET B 112 -4.70 -17.16 -0.98
CA MET B 112 -5.82 -16.63 -1.75
C MET B 112 -5.65 -16.86 -3.26
N ASP B 113 -4.43 -16.66 -3.76
CA ASP B 113 -4.18 -16.83 -5.19
C ASP B 113 -4.39 -18.30 -5.56
N SER B 114 -3.77 -19.21 -4.81
CA SER B 114 -3.88 -20.64 -5.08
CA SER B 114 -3.88 -20.63 -5.11
C SER B 114 -5.32 -21.13 -5.04
N SER B 115 -6.08 -20.62 -4.08
CA SER B 115 -7.46 -21.05 -3.94
C SER B 115 -8.33 -20.49 -5.05
N ALA B 116 -8.03 -19.26 -5.46
CA ALA B 116 -8.69 -18.66 -6.63
C ALA B 116 -8.50 -19.50 -7.90
N ILE B 117 -7.28 -19.98 -8.13
CA ILE B 117 -7.02 -20.82 -9.30
C ILE B 117 -7.80 -22.12 -9.22
N ARG B 118 -7.81 -22.78 -8.05
CA ARG B 118 -8.55 -24.03 -7.90
CA ARG B 118 -8.55 -24.03 -7.87
C ARG B 118 -10.04 -23.86 -8.22
N ALA B 119 -10.63 -22.78 -7.71
CA ALA B 119 -12.02 -22.44 -7.93
C ALA B 119 -12.34 -22.25 -9.40
N ASP B 120 -11.43 -21.57 -10.10
CA ASP B 120 -11.60 -21.29 -11.51
C ASP B 120 -11.46 -22.56 -12.35
N GLN B 121 -10.50 -23.41 -11.98
CA GLN B 121 -10.31 -24.67 -12.69
CA GLN B 121 -10.31 -24.67 -12.69
C GLN B 121 -11.49 -25.61 -12.51
N ALA B 122 -12.12 -25.55 -11.34
CA ALA B 122 -13.28 -26.40 -11.06
C ALA B 122 -14.50 -25.96 -11.87
N MET B 123 -14.72 -24.65 -11.94
CA MET B 123 -15.82 -24.10 -12.73
C MET B 123 -15.55 -24.29 -14.22
N ASP B 124 -14.27 -24.35 -14.58
CA ASP B 124 -13.88 -24.69 -15.94
C ASP B 124 -14.38 -26.07 -16.33
N ALA B 125 -14.20 -27.03 -15.43
CA ALA B 125 -14.65 -28.40 -15.65
C ALA B 125 -16.15 -28.55 -15.48
N LEU B 126 -16.75 -27.75 -14.61
CA LEU B 126 -18.19 -27.75 -14.43
C LEU B 126 -18.86 -27.35 -15.74
N SER B 127 -18.43 -26.22 -16.29
CA SER B 127 -18.95 -25.71 -17.55
C SER B 127 -18.83 -26.74 -18.69
N GLN B 128 -17.60 -27.21 -18.91
CA GLN B 128 -17.32 -28.21 -19.93
C GLN B 128 -18.25 -29.44 -19.83
N GLU B 129 -18.15 -30.16 -18.72
CA GLU B 129 -19.00 -31.34 -18.46
C GLU B 129 -20.46 -31.02 -18.74
N VAL B 130 -20.91 -29.85 -18.31
CA VAL B 130 -22.31 -29.47 -18.43
C VAL B 130 -22.73 -29.17 -19.86
N MET B 131 -21.86 -28.51 -20.62
CA MET B 131 -22.17 -28.14 -21.99
CA MET B 131 -22.13 -28.13 -22.00
C MET B 131 -22.03 -29.30 -22.97
N ALA B 132 -21.04 -30.16 -22.73
CA ALA B 132 -20.72 -31.19 -23.70
C ALA B 132 -21.62 -32.44 -23.63
N ARG B 133 -22.55 -32.44 -22.67
CA ARG B 133 -23.57 -33.49 -22.63
C ARG B 133 -24.75 -33.08 -23.53
N PRO B 134 -25.19 -34.01 -24.40
CA PRO B 134 -26.17 -33.62 -25.42
C PRO B 134 -27.50 -33.22 -24.80
N GLU B 135 -28.03 -32.08 -25.24
CA GLU B 135 -29.33 -31.62 -24.77
C GLU B 135 -29.86 -30.47 -25.61
N ALA B 136 -31.06 -29.99 -25.28
CA ALA B 136 -31.67 -28.89 -25.99
C ALA B 136 -30.89 -27.61 -25.76
N ASP B 137 -30.79 -26.77 -26.78
CA ASP B 137 -30.00 -25.55 -26.69
C ASP B 137 -30.69 -24.48 -25.86
N SER B 138 -31.97 -24.68 -25.58
CA SER B 138 -32.72 -23.75 -24.75
C SER B 138 -32.26 -23.89 -23.32
N VAL B 139 -32.06 -25.13 -22.90
CA VAL B 139 -31.62 -25.42 -21.54
C VAL B 139 -30.12 -25.17 -21.40
N ARG B 140 -29.37 -25.39 -22.48
CA ARG B 140 -27.93 -25.22 -22.43
C ARG B 140 -27.53 -23.74 -22.41
N LEU B 141 -28.38 -22.89 -22.98
CA LEU B 141 -28.19 -21.44 -22.89
C LEU B 141 -28.52 -20.94 -21.48
N ALA B 142 -29.57 -21.51 -20.88
CA ALA B 142 -29.93 -21.16 -19.51
C ALA B 142 -28.86 -21.63 -18.54
N GLN B 143 -28.29 -22.81 -18.79
CA GLN B 143 -27.25 -23.33 -17.92
C GLN B 143 -26.02 -22.42 -17.93
N TYR B 144 -25.64 -21.96 -19.11
CA TYR B 144 -24.44 -21.13 -19.25
C TYR B 144 -24.60 -19.75 -18.60
N GLN B 145 -25.84 -19.25 -18.54
CA GLN B 145 -26.11 -17.98 -17.85
C GLN B 145 -25.84 -18.12 -16.35
N LEU B 146 -26.20 -19.27 -15.80
CA LEU B 146 -25.96 -19.59 -14.41
C LEU B 146 -24.47 -19.68 -14.09
N ILE B 147 -23.75 -20.47 -14.87
CA ILE B 147 -22.30 -20.59 -14.71
C ILE B 147 -21.63 -19.22 -14.89
N SER B 148 -21.96 -18.54 -15.98
CA SER B 148 -21.39 -17.24 -16.25
C SER B 148 -21.61 -16.28 -15.09
N LYS B 149 -22.85 -16.26 -14.57
CA LYS B 149 -23.18 -15.44 -13.41
C LYS B 149 -22.27 -15.77 -12.22
N ALA B 150 -22.05 -17.06 -11.98
CA ALA B 150 -21.22 -17.49 -10.87
C ALA B 150 -19.77 -17.05 -11.05
N ARG B 151 -19.24 -17.26 -12.25
CA ARG B 151 -17.86 -16.85 -12.55
C ARG B 151 -17.66 -15.36 -12.35
N GLN B 152 -18.53 -14.54 -12.94
CA GLN B 152 -18.37 -13.10 -12.87
C GLN B 152 -18.51 -12.62 -11.43
N GLN B 153 -19.37 -13.29 -10.68
CA GLN B 153 -19.58 -12.94 -9.28
C GLN B 153 -18.28 -13.12 -8.49
N LEU B 154 -17.59 -14.24 -8.70
CA LEU B 154 -16.34 -14.52 -8.00
C LEU B 154 -15.18 -13.61 -8.43
N LEU B 155 -15.17 -13.21 -9.69
CA LEU B 155 -14.14 -12.27 -10.13
C LEU B 155 -14.37 -10.91 -9.46
N GLN B 156 -15.64 -10.51 -9.30
CA GLN B 156 -15.93 -9.28 -8.57
C GLN B 156 -15.45 -9.39 -7.11
N VAL B 157 -15.67 -10.54 -6.49
CA VAL B 157 -15.18 -10.74 -5.13
C VAL B 157 -13.66 -10.55 -5.04
N ARG B 158 -12.91 -11.12 -5.98
CA ARG B 158 -11.45 -10.95 -5.98
C ARG B 158 -11.09 -9.48 -6.11
N ILE B 159 -11.88 -8.76 -6.89
CA ILE B 159 -11.65 -7.34 -7.11
C ILE B 159 -11.85 -6.56 -5.81
N ASP B 160 -12.91 -6.89 -5.08
CA ASP B 160 -13.15 -6.27 -3.77
C ASP B 160 -12.01 -6.60 -2.82
N VAL B 161 -11.65 -7.88 -2.74
CA VAL B 161 -10.51 -8.26 -1.87
C VAL B 161 -9.24 -7.52 -2.26
N ARG B 162 -8.95 -7.42 -3.57
CA ARG B 162 -7.73 -6.71 -3.98
C ARG B 162 -7.82 -5.24 -3.59
N GLY B 163 -9.04 -4.71 -3.61
CA GLY B 163 -9.23 -3.33 -3.18
C GLY B 163 -8.85 -3.22 -1.71
N TYR B 164 -9.30 -4.18 -0.91
CA TYR B 164 -8.98 -4.23 0.50
C TYR B 164 -7.47 -4.38 0.73
N ILE B 165 -6.82 -5.24 -0.04
CA ILE B 165 -5.36 -5.38 0.09
C ILE B 165 -4.66 -4.05 -0.16
N ALA B 166 -5.12 -3.26 -1.13
CA ALA B 166 -4.48 -1.99 -1.44
C ALA B 166 -4.77 -0.93 -0.37
N GLU B 167 -6.01 -0.92 0.13
CA GLU B 167 -6.41 0.03 1.17
C GLU B 167 -7.14 -0.76 2.28
N ASN B 168 -6.53 -0.78 3.46
CA ASN B 168 -6.78 -1.74 4.56
C ASN B 168 -7.97 -1.33 5.47
N SER B 169 -8.78 -0.39 5.00
CA SER B 169 -9.92 0.14 5.78
C SER B 169 -10.94 -0.92 6.21
N SER B 170 -11.63 -0.66 7.32
CA SER B 170 -12.63 -1.60 7.77
C SER B 170 -13.78 -1.66 6.76
N ALA B 171 -14.01 -0.56 6.04
CA ALA B 171 -15.09 -0.57 5.02
C ALA B 171 -14.76 -1.50 3.84
N ASN B 172 -13.52 -1.45 3.36
CA ASN B 172 -13.08 -2.37 2.31
C ASN B 172 -13.11 -3.82 2.80
N GLU B 173 -12.71 -4.00 4.04
CA GLU B 173 -12.71 -5.32 4.67
C GLU B 173 -14.10 -5.94 4.68
N GLN B 174 -15.05 -5.18 5.23
CA GLN B 174 -16.38 -5.72 5.47
C GLN B 174 -17.13 -5.93 4.16
N ALA B 175 -16.90 -5.02 3.22
CA ALA B 175 -17.51 -5.16 1.89
C ALA B 175 -17.01 -6.45 1.24
N ALA B 176 -15.69 -6.68 1.28
CA ALA B 176 -15.15 -7.91 0.68
C ALA B 176 -15.71 -9.17 1.35
N LEU B 177 -15.78 -9.14 2.69
CA LEU B 177 -16.30 -10.30 3.42
C LEU B 177 -17.77 -10.55 3.11
N ARG B 178 -18.58 -9.49 3.10
CA ARG B 178 -20.00 -9.61 2.79
CA ARG B 178 -20.00 -9.64 2.80
C ARG B 178 -20.16 -10.24 1.40
N GLN B 179 -19.45 -9.68 0.43
CA GLN B 179 -19.57 -10.13 -0.95
C GLN B 179 -19.10 -11.58 -1.12
N LEU B 180 -18.06 -11.95 -0.38
CA LEU B 180 -17.61 -13.34 -0.37
C LEU B 180 -18.66 -14.27 0.23
N ASP B 181 -19.28 -13.86 1.33
CA ASP B 181 -20.39 -14.63 1.89
C ASP B 181 -21.58 -14.76 0.94
N ALA B 182 -21.87 -13.72 0.17
CA ALA B 182 -22.95 -13.80 -0.82
C ALA B 182 -22.62 -14.81 -1.92
N ALA B 183 -21.35 -14.86 -2.32
CA ALA B 183 -20.92 -15.80 -3.35
C ALA B 183 -21.02 -17.25 -2.85
N LEU B 184 -20.71 -17.47 -1.58
CA LEU B 184 -20.87 -18.79 -0.98
C LEU B 184 -22.34 -19.20 -0.79
N ALA B 185 -23.22 -18.23 -0.55
CA ALA B 185 -24.64 -18.53 -0.47
C ALA B 185 -25.14 -18.91 -1.86
N ASP B 186 -24.74 -18.14 -2.86
CA ASP B 186 -25.15 -18.39 -4.24
C ASP B 186 -24.64 -19.71 -4.79
N THR B 187 -23.46 -20.13 -4.33
CA THR B 187 -22.90 -21.41 -4.77
C THR B 187 -23.73 -22.58 -4.23
N ASP B 188 -24.14 -22.49 -2.97
CA ASP B 188 -25.04 -23.49 -2.39
C ASP B 188 -26.34 -23.53 -3.16
N ASN B 189 -26.75 -22.38 -3.69
CA ASN B 189 -27.99 -22.27 -4.46
C ASN B 189 -27.86 -22.84 -5.87
N LEU B 190 -26.66 -22.75 -6.43
CA LEU B 190 -26.40 -23.27 -7.77
C LEU B 190 -26.39 -24.79 -7.75
N LYS B 191 -26.15 -25.36 -6.58
CA LYS B 191 -26.11 -26.81 -6.41
C LYS B 191 -27.52 -27.35 -6.56
N ARG B 192 -28.50 -26.51 -6.22
CA ARG B 192 -29.90 -26.90 -6.32
CA ARG B 192 -29.91 -26.88 -6.32
C ARG B 192 -30.39 -26.85 -7.78
N GLN B 193 -29.85 -25.90 -8.54
CA GLN B 193 -30.27 -25.72 -9.93
C GLN B 193 -29.42 -26.53 -10.91
N LEU B 194 -28.33 -27.12 -10.42
CA LEU B 194 -27.48 -27.99 -11.22
C LEU B 194 -27.15 -29.27 -10.45
N PRO B 195 -28.18 -30.04 -10.11
CA PRO B 195 -28.01 -31.27 -9.34
C PRO B 195 -27.13 -32.29 -10.07
N SER B 196 -26.98 -32.13 -11.38
CA SER B 196 -26.00 -33.21 -11.79
CA SER B 196 -26.00 -33.22 -11.78
C SER B 196 -24.50 -33.02 -11.38
N GLU B 197 -24.15 -31.77 -11.14
CA GLU B 197 -22.76 -31.39 -10.92
C GLU B 197 -22.47 -31.16 -9.44
N ASP B 198 -23.30 -31.71 -8.58
CA ASP B 198 -23.16 -31.50 -7.14
C ASP B 198 -21.79 -31.88 -6.57
N ALA B 199 -21.09 -32.79 -7.22
CA ALA B 199 -19.72 -33.10 -6.82
C ALA B 199 -18.76 -31.98 -7.26
N ARG B 200 -18.88 -31.57 -8.51
CA ARG B 200 -18.05 -30.49 -9.05
C ARG B 200 -18.28 -29.18 -8.30
N LEU B 201 -19.53 -28.93 -7.92
CA LEU B 201 -19.90 -27.69 -7.23
C LEU B 201 -19.34 -27.59 -5.80
N GLN B 202 -19.24 -28.74 -5.12
CA GLN B 202 -18.69 -28.73 -3.76
C GLN B 202 -17.17 -28.52 -3.80
N GLN B 203 -16.54 -28.95 -4.89
CA GLN B 203 -15.11 -28.70 -5.10
C GLN B 203 -14.89 -27.20 -5.27
N PHE B 204 -15.76 -26.58 -6.06
CA PHE B 204 -15.75 -25.14 -6.23
C PHE B 204 -15.93 -24.48 -4.86
N GLU B 205 -16.97 -24.91 -4.15
CA GLU B 205 -17.30 -24.36 -2.83
C GLU B 205 -16.14 -24.51 -1.85
N ASN B 206 -15.56 -25.70 -1.78
CA ASN B 206 -14.41 -25.94 -0.90
C ASN B 206 -13.27 -24.97 -1.18
N ALA B 207 -13.01 -24.69 -2.46
CA ALA B 207 -12.00 -23.71 -2.85
C ALA B 207 -12.36 -22.29 -2.41
N VAL B 208 -13.62 -21.92 -2.59
CA VAL B 208 -14.07 -20.60 -2.16
C VAL B 208 -14.05 -20.48 -0.64
N LEU B 209 -14.35 -21.56 0.07
CA LEU B 209 -14.26 -21.56 1.52
C LEU B 209 -12.81 -21.39 1.96
N ALA B 210 -11.88 -22.03 1.27
CA ALA B 210 -10.46 -21.92 1.57
C ALA B 210 -9.99 -20.47 1.31
N TYR B 211 -10.58 -19.87 0.29
CA TYR B 211 -10.28 -18.49 -0.04
C TYR B 211 -10.72 -17.59 1.11
N ARG B 212 -11.95 -17.77 1.59
CA ARG B 212 -12.43 -16.99 2.74
C ARG B 212 -11.53 -17.13 3.94
N ASP B 213 -11.07 -18.35 4.21
CA ASP B 213 -10.14 -18.59 5.31
C ASP B 213 -8.88 -17.75 5.16
N ALA B 214 -8.38 -17.63 3.93
CA ALA B 214 -7.18 -16.84 3.66
C ALA B 214 -7.46 -15.35 3.80
N VAL B 215 -8.60 -14.88 3.32
CA VAL B 215 -8.93 -13.46 3.53
C VAL B 215 -8.99 -13.14 5.04
N ARG B 216 -9.56 -14.04 5.83
CA ARG B 216 -9.65 -13.83 7.27
C ARG B 216 -8.28 -13.79 7.93
N GLN B 217 -7.41 -14.72 7.56
CA GLN B 217 -6.03 -14.73 8.03
C GLN B 217 -5.32 -13.45 7.61
N PHE B 218 -5.60 -12.95 6.41
CA PHE B 218 -4.98 -11.69 5.99
C PHE B 218 -5.44 -10.57 6.93
N ARG B 219 -6.76 -10.46 7.13
CA ARG B 219 -7.35 -9.47 8.05
C ARG B 219 -6.75 -9.52 9.45
N ASP B 220 -6.60 -10.72 10.01
CA ASP B 220 -6.02 -10.85 11.35
C ASP B 220 -4.56 -10.40 11.43
N ALA B 221 -3.78 -10.70 10.39
CA ALA B 221 -2.39 -10.28 10.36
C ALA B 221 -2.24 -8.76 10.22
N VAL B 222 -3.14 -8.14 9.46
CA VAL B 222 -3.11 -6.68 9.34
C VAL B 222 -3.31 -6.09 10.74
N ALA B 223 -4.21 -6.71 11.49
CA ALA B 223 -4.48 -6.27 12.86
C ALA B 223 -3.24 -6.35 13.71
N ASN B 224 -2.48 -7.45 13.57
CA ASN B 224 -1.23 -7.63 14.32
C ASN B 224 -0.14 -6.64 13.90
N ILE B 225 -0.04 -6.35 12.61
CA ILE B 225 0.90 -5.34 12.15
C ILE B 225 0.54 -3.96 12.72
N THR B 226 -0.73 -3.59 12.68
CA THR B 226 -1.12 -2.29 13.23
C THR B 226 -0.86 -2.20 14.74
N THR B 227 -1.13 -3.31 15.45
CA THR B 227 -0.87 -3.35 16.89
C THR B 227 0.62 -3.15 17.17
N SER B 228 1.48 -3.92 16.50
CA SER B 228 2.90 -3.77 16.75
C SER B 228 3.36 -2.38 16.37
N ARG B 229 2.74 -1.80 15.34
CA ARG B 229 3.08 -0.44 14.95
C ARG B 229 2.77 0.53 16.11
N ALA B 230 1.60 0.37 16.74
CA ALA B 230 1.23 1.28 17.83
C ALA B 230 2.18 1.12 19.02
N GLU B 231 2.66 -0.11 19.23
CA GLU B 231 3.58 -0.39 20.33
C GLU B 231 4.95 0.24 20.13
N MET B 232 5.51 0.08 18.92
CA MET B 232 6.79 0.72 18.62
C MET B 232 6.68 2.25 18.68
N THR B 233 5.51 2.77 18.34
CA THR B 233 5.34 4.24 18.36
C THR B 233 5.49 4.72 19.80
N VAL B 234 4.83 4.00 20.71
CA VAL B 234 4.92 4.26 22.14
C VAL B 234 6.34 4.06 22.67
N GLN B 235 6.96 2.94 22.31
CA GLN B 235 8.31 2.65 22.76
C GLN B 235 9.26 3.73 22.26
N GLY B 236 9.06 4.14 21.01
CA GLY B 236 9.82 5.25 20.45
C GLY B 236 9.76 6.51 21.30
N ALA B 237 8.54 6.92 21.64
CA ALA B 237 8.38 8.13 22.45
C ALA B 237 9.11 7.94 23.79
N ASP B 238 9.16 6.72 24.30
CA ASP B 238 9.79 6.50 25.60
C ASP B 238 11.31 6.51 25.51
N ILE B 239 11.84 5.88 24.47
CA ILE B 239 13.27 5.94 24.21
C ILE B 239 13.71 7.38 23.96
N VAL B 240 12.88 8.14 23.24
CA VAL B 240 13.17 9.54 22.95
C VAL B 240 13.29 10.34 24.23
N LYS B 241 12.32 10.16 25.11
CA LYS B 241 12.29 10.86 26.40
C LYS B 241 13.54 10.60 27.24
N ARG B 242 13.91 9.33 27.38
CA ARG B 242 15.08 8.95 28.18
C ARG B 242 16.38 9.49 27.58
N SER B 243 16.50 9.42 26.26
CA SER B 243 17.65 9.98 25.54
C SER B 243 17.76 11.47 25.81
N ASP B 244 16.63 12.16 25.79
CA ASP B 244 16.59 13.59 26.07
C ASP B 244 17.12 13.89 27.46
N ALA B 245 16.72 13.04 28.42
CA ALA B 245 17.19 13.16 29.80
C ALA B 245 18.71 12.94 29.89
N LEU B 246 19.21 11.90 29.23
CA LEU B 246 20.65 11.66 29.17
C LEU B 246 21.33 12.92 28.62
N TYR B 247 20.82 13.40 27.50
CA TYR B 247 21.41 14.55 26.82
C TYR B 247 21.40 15.79 27.71
N GLN B 248 20.32 15.99 28.45
CA GLN B 248 20.25 17.15 29.33
C GLN B 248 21.25 17.10 30.47
N ILE B 249 21.49 15.90 31.02
CA ILE B 249 22.48 15.75 32.07
C ILE B 249 23.86 16.20 31.58
N GLN B 250 24.22 15.83 30.35
CA GLN B 250 25.52 16.18 29.78
C GLN B 250 25.64 17.66 29.46
N LEU B 251 24.71 18.17 28.65
CA LEU B 251 24.71 19.58 28.26
C LEU B 251 24.83 20.45 29.50
N GLU B 252 23.96 20.20 30.47
CA GLU B 252 24.04 20.88 31.76
C GLU B 252 25.24 20.38 32.57
#